data_3AKI
#
_entry.id   3AKI
#
_cell.length_a   41.026
_cell.length_b   89.719
_cell.length_c   135.424
_cell.angle_alpha   90.00
_cell.angle_beta   90.00
_cell.angle_gamma   90.00
#
_symmetry.space_group_name_H-M   'P 21 21 21'
#
loop_
_entity.id
_entity.type
_entity.pdbx_description
1 polymer 'Putative secreted alpha L-arabinofuranosidase II'
2 non-polymer 'CHLORIDE ION'
3 non-polymer 'SODIUM ION'
4 non-polymer (2R,3R,4R,5S)-2-azido-5-(hydroxymethyl)oxolane-3,4-diol
5 non-polymer GLYCEROL
6 water water
#
_entity_poly.entity_id   1
_entity_poly.type   'polypeptide(L)'
_entity_poly.pdbx_seq_one_letter_code
;MTAPASPSVTFTNPLAEKRADPHIFKHTDGYYYFTATVPEYDRIVLRRATTLQGLATAPETTIWTKHASGVMGAHIWAPE
IHFIDGKWYVYFAAGSTSDVWAIRMYVLESGAANPLTGSWTEKGQIATPVSSFSLDATTFVVNGVRHLAWAQRNPAEDNN
TSLFIAKMANPWTISGTPTEISQPTLSWETVGYKVNEGPAVIQHGGKVFLTYSASATDANYCLGMLSASASADLLNAASW
TKSSQPVFKTSEATGQYGPGHNSFTVSEDGKSDILVYHDRNYKDISGDPLNDPNRRTRLQKVYWNADGTPNFGIPVADGV
TPVRFSSYNYPDRYIRHWDFRARIEANVTNLADSQFRVVTGLAGSGTISLESANYPGYYLRHKNYEVWVEKNDGSSAFKN
DASFSRRAGLADSADGIAFESYNYPGRYLRHYENLLRIQPVSTALDRQDATFYAEKLAAALEHHHHHH
;
_entity_poly.pdbx_strand_id   A
#
# COMPACT_ATOMS: atom_id res chain seq x y z
N VAL A 9 -2.46 -9.61 -12.46
CA VAL A 9 -3.16 -8.76 -11.45
C VAL A 9 -2.56 -8.92 -10.03
N THR A 10 -1.85 -10.02 -9.79
CA THR A 10 -1.11 -10.20 -8.53
C THR A 10 0.32 -9.66 -8.64
N PHE A 11 0.93 -9.36 -7.50
CA PHE A 11 2.31 -8.88 -7.48
C PHE A 11 3.19 -9.87 -6.73
N THR A 12 4.49 -9.81 -7.01
CA THR A 12 5.46 -10.53 -6.22
C THR A 12 6.26 -9.56 -5.39
N ASN A 13 6.07 -9.62 -4.07
CA ASN A 13 6.81 -8.80 -3.15
C ASN A 13 8.05 -9.51 -2.60
N PRO A 14 9.13 -8.74 -2.31
CA PRO A 14 9.19 -7.29 -2.42
C PRO A 14 9.45 -6.84 -3.85
N LEU A 15 9.09 -5.60 -4.17
CA LEU A 15 9.34 -5.06 -5.51
C LEU A 15 10.82 -4.66 -5.66
N ALA A 16 11.38 -4.04 -4.63
CA ALA A 16 12.78 -3.60 -4.67
C ALA A 16 13.40 -3.61 -3.28
N GLU A 17 14.51 -4.34 -3.15
CA GLU A 17 15.31 -4.39 -1.94
C GLU A 17 16.00 -3.05 -1.73
N LYS A 18 16.23 -2.69 -0.46
CA LYS A 18 17.03 -1.50 -0.11
C LYS A 18 16.55 -0.21 -0.83
N ARG A 19 15.23 -0.05 -0.89
CA ARG A 19 14.61 1.16 -1.43
C ARG A 19 13.50 1.57 -0.48
N ALA A 20 13.65 2.75 0.11
CA ALA A 20 12.66 3.25 1.05
C ALA A 20 11.90 4.45 0.48
N ASP A 21 10.79 4.80 1.13
CA ASP A 21 9.97 5.94 0.72
C ASP A 21 9.59 5.90 -0.77
N PRO A 22 9.01 4.78 -1.23
CA PRO A 22 8.86 4.60 -2.67
C PRO A 22 7.79 5.48 -3.26
N HIS A 23 8.04 5.99 -4.47
CA HIS A 23 7.01 6.75 -5.16
C HIS A 23 6.91 6.27 -6.60
N ILE A 24 5.70 5.85 -6.98
CA ILE A 24 5.44 5.41 -8.34
C ILE A 24 4.43 6.34 -9.00
N PHE A 25 4.76 6.81 -10.19
CA PHE A 25 3.88 7.65 -10.98
C PHE A 25 3.61 6.99 -12.32
N LYS A 26 2.33 6.80 -12.65
CA LYS A 26 1.95 6.24 -13.94
C LYS A 26 1.66 7.38 -14.90
N HIS A 27 2.44 7.43 -15.98
CA HIS A 27 2.38 8.51 -16.97
C HIS A 27 1.56 8.07 -18.18
N THR A 28 1.22 9.03 -19.03
CA THR A 28 0.39 8.77 -20.20
C THR A 28 1.19 8.18 -21.36
N ASP A 29 2.51 8.11 -21.21
CA ASP A 29 3.36 7.48 -22.21
C ASP A 29 3.40 5.95 -22.03
N GLY A 30 2.43 5.42 -21.27
CA GLY A 30 2.37 3.98 -20.96
C GLY A 30 3.49 3.38 -20.12
N TYR A 31 4.20 4.23 -19.37
CA TYR A 31 5.23 3.76 -18.45
C TYR A 31 4.89 4.12 -17.00
N TYR A 32 5.36 3.29 -16.06
CA TYR A 32 5.41 3.64 -14.64
C TYR A 32 6.80 4.18 -14.33
N TYR A 33 6.86 5.22 -13.51
CA TYR A 33 8.15 5.74 -13.07
C TYR A 33 8.31 5.58 -11.58
N PHE A 34 9.45 5.02 -11.18
CA PHE A 34 9.68 4.65 -9.81
C PHE A 34 10.92 5.34 -9.25
N THR A 35 10.71 6.16 -8.23
CA THR A 35 11.82 6.72 -7.46
C THR A 35 11.69 6.35 -5.99
N ALA A 36 12.78 6.49 -5.23
CA ALA A 36 12.82 6.04 -3.85
C ALA A 36 14.03 6.62 -3.12
N THR A 37 14.04 6.53 -1.80
CA THR A 37 15.22 6.89 -1.00
C THR A 37 16.23 5.74 -1.05
N VAL A 38 17.49 6.03 -1.38
CA VAL A 38 18.57 5.02 -1.34
C VAL A 38 19.30 5.03 0.00
N PRO A 39 19.91 3.90 0.40
CA PRO A 39 20.45 3.85 1.76
C PRO A 39 21.56 4.89 2.03
N GLU A 40 22.29 5.28 1.00
CA GLU A 40 23.36 6.28 1.12
C GLU A 40 22.87 7.73 1.19
N TYR A 41 21.60 7.95 0.89
CA TYR A 41 20.95 9.27 1.04
C TYR A 41 21.72 10.35 0.29
N ASP A 42 22.21 9.99 -0.89
CA ASP A 42 23.18 10.82 -1.59
C ASP A 42 22.76 11.19 -3.01
N ARG A 43 21.67 10.62 -3.50
CA ARG A 43 21.25 10.85 -4.87
C ARG A 43 19.78 10.55 -5.09
N ILE A 44 19.28 10.91 -6.27
CA ILE A 44 17.92 10.59 -6.66
C ILE A 44 17.96 9.65 -7.86
N VAL A 45 17.45 8.43 -7.66
CA VAL A 45 17.43 7.41 -8.71
C VAL A 45 16.05 7.29 -9.36
N LEU A 46 16.01 6.82 -10.59
CA LEU A 46 14.76 6.67 -11.31
C LEU A 46 14.79 5.41 -12.19
N ARG A 47 13.65 4.73 -12.28
CA ARG A 47 13.49 3.61 -13.22
C ARG A 47 12.10 3.65 -13.83
N ARG A 48 11.93 2.96 -14.96
CA ARG A 48 10.64 2.88 -15.62
C ARG A 48 10.39 1.51 -16.24
N ALA A 49 9.12 1.21 -16.46
CA ALA A 49 8.66 -0.07 -16.99
C ALA A 49 7.18 0.07 -17.31
N THR A 50 6.74 -0.68 -18.32
CA THR A 50 5.36 -0.68 -18.81
C THR A 50 4.38 -1.32 -17.82
N THR A 51 4.91 -2.15 -16.92
CA THR A 51 4.08 -2.78 -15.91
C THR A 51 4.68 -2.56 -14.53
N LEU A 52 3.86 -2.69 -13.50
CA LEU A 52 4.34 -2.65 -12.12
C LEU A 52 5.37 -3.73 -11.82
N GLN A 53 5.12 -4.97 -12.25
CA GLN A 53 6.09 -6.03 -12.02
C GLN A 53 7.40 -5.79 -12.76
N GLY A 54 7.30 -5.26 -13.98
CA GLY A 54 8.48 -4.87 -14.77
C GLY A 54 9.48 -4.03 -13.98
N LEU A 55 8.98 -3.24 -13.04
CA LEU A 55 9.83 -2.33 -12.27
C LEU A 55 10.89 -3.07 -11.48
N ALA A 56 10.59 -4.30 -11.06
CA ALA A 56 11.50 -5.09 -10.22
C ALA A 56 12.87 -5.32 -10.85
N THR A 57 12.90 -5.30 -12.18
CA THR A 57 14.13 -5.61 -12.93
C THR A 57 14.61 -4.46 -13.81
N ALA A 58 13.87 -3.36 -13.81
CA ALA A 58 14.27 -2.19 -14.60
C ALA A 58 15.53 -1.52 -14.02
N PRO A 59 16.46 -1.12 -14.89
CA PRO A 59 17.71 -0.52 -14.41
C PRO A 59 17.51 0.92 -13.92
N GLU A 60 18.24 1.29 -12.87
CA GLU A 60 18.16 2.63 -12.26
C GLU A 60 19.16 3.60 -12.88
N THR A 61 18.66 4.76 -13.32
CA THR A 61 19.49 5.89 -13.69
C THR A 61 19.60 6.81 -12.48
N THR A 62 20.79 7.33 -12.22
CA THR A 62 20.94 8.40 -11.26
C THR A 62 20.66 9.72 -11.98
N ILE A 63 19.59 10.39 -11.59
CA ILE A 63 19.18 11.62 -12.30
C ILE A 63 19.72 12.90 -11.67
N TRP A 64 20.20 12.79 -10.44
CA TRP A 64 20.68 13.94 -9.68
C TRP A 64 21.44 13.48 -8.46
N THR A 65 22.57 14.11 -8.20
CA THR A 65 23.39 13.80 -7.04
C THR A 65 23.54 15.03 -6.15
N LYS A 66 23.77 14.79 -4.85
CA LYS A 66 23.92 15.86 -3.88
C LYS A 66 25.05 16.82 -4.23
N HIS A 67 24.95 18.04 -3.70
CA HIS A 67 26.00 19.04 -3.89
C HIS A 67 27.16 18.74 -2.95
N ALA A 68 28.37 19.09 -3.40
CA ALA A 68 29.58 18.96 -2.59
C ALA A 68 29.54 19.88 -1.37
N SER A 69 28.95 21.07 -1.52
CA SER A 69 28.92 22.05 -0.43
C SER A 69 27.60 22.83 -0.33
N GLY A 70 27.24 23.20 0.88
CA GLY A 70 26.05 24.01 1.14
C GLY A 70 24.77 23.19 1.11
N VAL A 71 23.69 23.84 0.69
CA VAL A 71 22.35 23.21 0.64
C VAL A 71 22.27 22.11 -0.41
N MET A 72 21.27 21.23 -0.31
CA MET A 72 21.14 20.07 -1.21
C MET A 72 22.41 19.19 -1.21
N GLY A 73 23.06 19.08 -0.06
CA GLY A 73 24.35 18.37 0.07
C GLY A 73 24.42 17.33 1.18
N ALA A 74 23.24 16.95 1.71
CA ALA A 74 23.14 15.95 2.77
C ALA A 74 21.73 15.42 2.88
N HIS A 75 21.60 14.20 3.40
CA HIS A 75 20.33 13.54 3.62
C HIS A 75 19.31 13.76 2.47
N ILE A 76 19.66 13.28 1.28
CA ILE A 76 18.75 13.33 0.13
C ILE A 76 17.64 12.29 0.38
N TRP A 77 16.46 12.79 0.78
CA TRP A 77 15.34 11.97 1.27
C TRP A 77 14.03 12.06 0.48
N ALA A 78 13.43 10.88 0.27
CA ALA A 78 12.05 10.71 -0.20
C ALA A 78 11.62 11.50 -1.45
N PRO A 79 12.26 11.23 -2.60
CA PRO A 79 11.87 11.91 -3.82
C PRO A 79 10.48 11.46 -4.31
N GLU A 80 9.78 12.35 -4.99
CA GLU A 80 8.52 12.04 -5.67
C GLU A 80 8.62 12.64 -7.06
N ILE A 81 8.17 11.90 -8.06
CA ILE A 81 8.18 12.38 -9.45
C ILE A 81 6.74 12.60 -9.94
N HIS A 82 6.51 13.75 -10.55
CA HIS A 82 5.18 14.12 -11.02
C HIS A 82 5.31 14.75 -12.39
N PHE A 83 4.30 14.58 -13.22
CA PHE A 83 4.22 15.28 -14.51
C PHE A 83 3.17 16.35 -14.37
N ILE A 84 3.56 17.60 -14.57
CA ILE A 84 2.66 18.72 -14.35
C ILE A 84 2.83 19.70 -15.50
N ASP A 85 1.73 20.04 -16.17
CA ASP A 85 1.73 21.06 -17.23
C ASP A 85 2.82 20.84 -18.26
N GLY A 86 2.91 19.61 -18.78
CA GLY A 86 3.91 19.26 -19.78
C GLY A 86 5.36 19.10 -19.34
N LYS A 87 5.63 19.25 -18.04
CA LYS A 87 7.00 19.09 -17.50
C LYS A 87 7.08 18.09 -16.34
N TRP A 88 8.27 17.56 -16.10
CA TRP A 88 8.51 16.68 -14.96
C TRP A 88 8.95 17.48 -13.75
N TYR A 89 8.45 17.12 -12.57
CA TYR A 89 8.90 17.74 -11.33
C TYR A 89 9.25 16.66 -10.34
N VAL A 90 10.41 16.82 -9.70
CA VAL A 90 10.82 15.95 -8.60
C VAL A 90 10.86 16.74 -7.29
N TYR A 91 10.06 16.30 -6.31
CA TYR A 91 10.10 16.83 -4.94
C TYR A 91 10.97 15.95 -4.06
N PHE A 92 11.85 16.55 -3.28
CA PHE A 92 12.68 15.81 -2.34
C PHE A 92 13.07 16.71 -1.18
N ALA A 93 13.76 16.12 -0.19
CA ALA A 93 14.25 16.85 0.93
C ALA A 93 15.77 16.69 1.03
N ALA A 94 16.42 17.67 1.64
CA ALA A 94 17.87 17.67 1.77
C ALA A 94 18.30 18.63 2.88
N GLY A 95 19.39 18.27 3.56
CA GLY A 95 20.07 19.19 4.46
C GLY A 95 21.26 19.79 3.75
N SER A 96 22.08 20.54 4.49
CA SER A 96 23.31 21.11 3.95
C SER A 96 24.54 20.41 4.54
N THR A 97 25.67 20.51 3.84
CA THR A 97 26.95 19.97 4.36
C THR A 97 27.30 20.50 5.77
N SER A 98 27.06 21.78 6.01
CA SER A 98 27.26 22.39 7.34
C SER A 98 26.25 21.92 8.40
N ASP A 99 24.95 22.07 8.11
CA ASP A 99 23.88 21.60 9.01
C ASP A 99 23.11 20.47 8.32
N VAL A 100 23.42 19.23 8.71
CA VAL A 100 22.79 18.05 8.09
C VAL A 100 21.38 17.83 8.60
N TRP A 101 20.99 18.55 9.64
CA TRP A 101 19.64 18.45 10.21
C TRP A 101 18.74 19.64 9.88
N ALA A 102 19.24 20.57 9.07
CA ALA A 102 18.43 21.65 8.54
C ALA A 102 17.80 21.19 7.23
N ILE A 103 16.92 20.20 7.35
CA ILE A 103 16.29 19.59 6.19
C ILE A 103 15.21 20.53 5.67
N ARG A 104 15.24 20.79 4.37
CA ARG A 104 14.22 21.59 3.70
C ARG A 104 13.79 20.89 2.41
N MET A 105 12.72 21.38 1.80
CA MET A 105 12.11 20.79 0.61
C MET A 105 12.60 21.47 -0.64
N TYR A 106 12.96 20.68 -1.64
CA TYR A 106 13.50 21.19 -2.91
C TYR A 106 12.76 20.60 -4.11
N VAL A 107 12.86 21.25 -5.28
CA VAL A 107 12.20 20.77 -6.51
C VAL A 107 13.16 20.80 -7.74
N LEU A 108 13.12 19.74 -8.54
CA LEU A 108 13.81 19.69 -9.82
C LEU A 108 12.79 19.72 -10.91
N GLU A 109 13.18 20.23 -12.07
CA GLU A 109 12.30 20.32 -13.21
C GLU A 109 13.04 19.84 -14.45
N SER A 110 12.35 19.06 -15.27
CA SER A 110 12.86 18.72 -16.60
C SER A 110 11.75 18.83 -17.65
N GLY A 111 12.09 19.39 -18.81
CA GLY A 111 11.15 19.47 -19.93
C GLY A 111 11.21 18.29 -20.90
N ALA A 112 12.14 17.36 -20.65
CA ALA A 112 12.34 16.18 -21.53
C ALA A 112 11.16 15.23 -21.56
N ALA A 113 10.93 14.59 -22.71
CA ALA A 113 9.87 13.61 -22.86
C ALA A 113 10.13 12.44 -21.91
N ASN A 114 11.37 11.96 -21.93
CA ASN A 114 11.80 10.87 -21.06
C ASN A 114 12.65 11.41 -19.92
N PRO A 115 12.14 11.35 -18.67
CA PRO A 115 12.86 11.93 -17.54
C PRO A 115 14.13 11.17 -17.16
N LEU A 116 14.28 9.94 -17.63
CA LEU A 116 15.46 9.15 -17.30
C LEU A 116 16.70 9.66 -18.00
N THR A 117 16.51 10.22 -19.18
CA THR A 117 17.65 10.69 -19.97
C THR A 117 17.77 12.22 -20.03
N GLY A 118 16.70 12.91 -19.65
CA GLY A 118 16.69 14.38 -19.66
C GLY A 118 17.66 15.04 -18.70
N SER A 119 17.78 16.36 -18.80
CA SER A 119 18.60 17.09 -17.86
C SER A 119 17.69 17.88 -16.92
N TRP A 120 18.17 18.10 -15.70
CA TRP A 120 17.32 18.64 -14.65
C TRP A 120 17.76 20.03 -14.20
N THR A 121 16.78 20.91 -14.04
CA THR A 121 16.95 22.27 -13.53
C THR A 121 16.50 22.33 -12.06
N GLU A 122 17.37 22.81 -11.17
CA GLU A 122 16.97 23.02 -9.77
C GLU A 122 16.10 24.28 -9.65
N LYS A 123 14.87 24.10 -9.15
CA LYS A 123 13.94 25.23 -8.97
C LYS A 123 14.05 25.84 -7.57
N GLY A 124 14.91 25.25 -6.74
CA GLY A 124 15.20 25.80 -5.43
C GLY A 124 14.36 25.25 -4.30
N GLN A 125 14.43 25.92 -3.14
CA GLN A 125 13.71 25.51 -1.96
C GLN A 125 12.24 25.91 -2.07
N ILE A 126 11.34 25.05 -1.63
CA ILE A 126 9.96 25.46 -1.47
C ILE A 126 9.93 26.28 -0.18
N ALA A 127 9.73 27.59 -0.33
CA ALA A 127 9.68 28.50 0.81
C ALA A 127 8.39 28.31 1.60
N THR A 128 8.52 28.35 2.92
CA THR A 128 7.39 28.33 3.84
C THR A 128 7.58 29.49 4.85
N PRO A 129 6.50 29.96 5.48
CA PRO A 129 6.60 31.03 6.48
C PRO A 129 7.51 30.72 7.68
N VAL A 130 7.57 29.44 8.09
CA VAL A 130 8.38 29.02 9.21
C VAL A 130 9.65 28.37 8.70
N SER A 131 10.79 28.77 9.26
CA SER A 131 12.07 28.15 8.93
C SER A 131 12.36 27.04 9.91
N SER A 132 11.97 25.83 9.53
CA SER A 132 12.09 24.67 10.40
C SER A 132 12.14 23.40 9.56
N PHE A 133 12.58 22.32 10.20
CA PHE A 133 12.64 20.98 9.64
C PHE A 133 11.41 20.63 8.78
N SER A 134 11.62 20.46 7.48
CA SER A 134 10.54 20.22 6.52
C SER A 134 10.95 19.17 5.53
N LEU A 135 10.01 18.30 5.17
CA LEU A 135 10.28 17.22 4.23
C LEU A 135 8.98 16.57 3.71
N ASP A 136 9.16 15.57 2.84
CA ASP A 136 8.05 14.74 2.38
C ASP A 136 6.95 15.54 1.63
N ALA A 137 7.37 16.49 0.79
CA ALA A 137 6.43 17.21 -0.08
C ALA A 137 5.73 16.27 -1.06
N THR A 138 4.40 16.35 -1.11
CA THR A 138 3.65 15.67 -2.14
C THR A 138 2.72 16.69 -2.78
N THR A 139 2.39 16.49 -4.04
CA THR A 139 1.42 17.36 -4.71
C THR A 139 0.27 16.54 -5.27
N PHE A 140 -0.90 17.15 -5.35
CA PHE A 140 -2.11 16.47 -5.82
C PHE A 140 -3.14 17.50 -6.21
N VAL A 141 -4.10 17.09 -7.02
CA VAL A 141 -5.10 18.04 -7.51
C VAL A 141 -6.48 17.60 -7.04
N VAL A 142 -7.22 18.53 -6.45
CA VAL A 142 -8.61 18.31 -6.06
C VAL A 142 -9.46 19.36 -6.79
N ASN A 143 -10.50 18.93 -7.51
CA ASN A 143 -11.34 19.79 -8.36
C ASN A 143 -10.50 20.77 -9.17
N GLY A 144 -9.56 20.28 -9.96
CA GLY A 144 -8.67 21.14 -10.74
C GLY A 144 -7.77 22.13 -9.98
N VAL A 145 -7.73 22.05 -8.65
CA VAL A 145 -6.90 22.97 -7.86
C VAL A 145 -5.73 22.21 -7.23
N ARG A 146 -4.50 22.57 -7.61
CA ARG A 146 -3.31 21.88 -7.11
C ARG A 146 -2.94 22.28 -5.68
N HIS A 147 -2.68 21.29 -4.84
CA HIS A 147 -2.24 21.53 -3.47
C HIS A 147 -0.88 20.90 -3.23
N LEU A 148 -0.19 21.39 -2.19
CA LEU A 148 0.98 20.73 -1.65
C LEU A 148 0.65 20.30 -0.25
N ALA A 149 1.04 19.08 0.12
CA ALA A 149 1.03 18.65 1.51
C ALA A 149 2.44 18.22 1.88
N TRP A 150 2.82 18.42 3.14
CA TRP A 150 4.18 18.10 3.58
C TRP A 150 4.25 17.91 5.10
N ALA A 151 5.39 17.45 5.59
CA ALA A 151 5.61 17.34 7.02
C ALA A 151 6.57 18.46 7.45
N GLN A 152 6.25 19.13 8.55
CA GLN A 152 7.12 20.20 9.04
C GLN A 152 6.95 20.38 10.55
N ARG A 153 8.05 20.77 11.19
CA ARG A 153 8.02 21.13 12.61
C ARG A 153 7.27 22.43 12.83
N ASN A 154 6.23 22.36 13.64
CA ASN A 154 5.65 23.54 14.29
C ASN A 154 6.41 23.76 15.59
N PRO A 155 7.31 24.77 15.60
CA PRO A 155 8.24 25.00 16.70
C PRO A 155 7.57 25.28 18.05
N ALA A 156 6.30 25.65 18.05
CA ALA A 156 5.55 25.86 19.30
C ALA A 156 4.92 24.56 19.82
N GLU A 157 5.19 23.45 19.13
CA GLU A 157 4.72 22.13 19.55
C GLU A 157 5.91 21.29 20.00
N ASP A 158 5.65 20.41 20.96
CA ASP A 158 6.68 19.53 21.52
C ASP A 158 6.70 18.18 20.79
N ASN A 159 7.15 18.20 19.53
CA ASN A 159 7.10 17.01 18.67
C ASN A 159 8.12 17.10 17.53
N ASN A 160 8.13 16.15 16.60
CA ASN A 160 9.06 16.22 15.48
C ASN A 160 8.50 16.93 14.25
N THR A 161 7.39 16.41 13.70
CA THR A 161 6.68 17.05 12.58
C THR A 161 5.17 16.86 12.65
N SER A 162 4.47 17.85 12.11
CA SER A 162 3.04 17.85 11.93
C SER A 162 2.77 17.92 10.41
N LEU A 163 1.52 17.74 10.02
CA LEU A 163 1.14 17.80 8.61
C LEU A 163 0.61 19.18 8.23
N PHE A 164 1.07 19.66 7.07
CA PHE A 164 0.68 20.94 6.50
C PHE A 164 0.13 20.80 5.09
N ILE A 165 -0.77 21.70 4.72
CA ILE A 165 -1.31 21.74 3.37
C ILE A 165 -1.38 23.21 2.90
N ALA A 166 -1.19 23.43 1.61
CA ALA A 166 -1.32 24.76 1.02
C ALA A 166 -1.67 24.65 -0.45
N LYS A 167 -2.26 25.71 -0.97
CA LYS A 167 -2.42 25.83 -2.41
C LYS A 167 -1.08 26.19 -3.02
N MET A 168 -0.97 25.95 -4.32
CA MET A 168 0.28 26.22 -5.03
C MET A 168 0.10 27.30 -6.07
N ALA A 169 1.10 28.15 -6.21
CA ALA A 169 1.18 29.14 -7.28
C ALA A 169 1.79 28.53 -8.55
N ASN A 170 2.78 27.65 -8.34
CA ASN A 170 3.35 26.86 -9.42
C ASN A 170 3.90 25.60 -8.77
N PRO A 171 4.45 24.66 -9.56
CA PRO A 171 4.90 23.44 -8.90
C PRO A 171 6.03 23.58 -7.84
N TRP A 172 6.69 24.73 -7.72
CA TRP A 172 7.72 24.87 -6.69
C TRP A 172 7.43 25.99 -5.67
N THR A 173 6.21 26.52 -5.68
CA THR A 173 5.89 27.71 -4.89
C THR A 173 4.48 27.59 -4.31
N ILE A 174 4.34 27.72 -2.99
CA ILE A 174 3.01 27.72 -2.39
C ILE A 174 2.35 29.10 -2.56
N SER A 175 1.03 29.10 -2.48
CA SER A 175 0.25 30.31 -2.55
C SER A 175 -0.46 30.44 -1.23
N GLY A 176 -0.52 31.66 -0.71
CA GLY A 176 -1.22 31.93 0.56
C GLY A 176 -0.44 31.33 1.71
N THR A 177 -1.15 30.97 2.78
CA THR A 177 -0.49 30.44 3.96
C THR A 177 -0.85 28.97 4.21
N PRO A 178 0.09 28.20 4.79
CA PRO A 178 -0.16 26.80 5.11
C PRO A 178 -1.21 26.63 6.22
N THR A 179 -1.87 25.48 6.23
CA THR A 179 -2.70 25.08 7.37
C THR A 179 -2.10 23.81 7.91
N GLU A 180 -1.95 23.76 9.24
CA GLU A 180 -1.56 22.54 9.92
C GLU A 180 -2.81 21.70 10.10
N ILE A 181 -2.82 20.50 9.52
CA ILE A 181 -4.04 19.70 9.53
C ILE A 181 -4.01 18.43 10.38
N SER A 182 -2.83 18.08 10.91
CA SER A 182 -2.70 16.98 11.87
C SER A 182 -1.43 17.17 12.66
N GLN A 183 -1.48 16.83 13.95
CA GLN A 183 -0.28 16.74 14.77
C GLN A 183 -0.28 15.42 15.54
N PRO A 184 0.90 14.86 15.78
CA PRO A 184 1.00 13.54 16.40
C PRO A 184 0.70 13.63 17.89
N THR A 185 -0.51 13.19 18.28
CA THR A 185 -0.91 13.20 19.69
C THR A 185 -1.52 11.90 20.20
N LEU A 186 -1.85 10.97 19.30
CA LEU A 186 -2.34 9.64 19.72
C LEU A 186 -1.18 8.74 20.11
N SER A 187 -1.43 7.71 20.91
CA SER A 187 -0.34 6.89 21.44
C SER A 187 0.48 6.15 20.37
N TRP A 188 -0.19 5.72 19.31
CA TRP A 188 0.49 5.02 18.22
C TRP A 188 1.25 5.97 17.28
N GLU A 189 1.01 7.27 17.44
CA GLU A 189 1.69 8.31 16.67
C GLU A 189 2.94 8.81 17.38
N THR A 190 3.11 8.40 18.65
CA THR A 190 4.14 8.99 19.51
C THR A 190 5.13 7.99 20.12
N VAL A 191 5.32 6.84 19.46
CA VAL A 191 6.26 5.84 19.96
C VAL A 191 7.64 6.12 19.40
N GLY A 192 8.58 6.47 20.28
CA GLY A 192 9.95 6.77 19.89
C GLY A 192 10.13 8.25 19.59
N TYR A 193 9.30 8.75 18.66
CA TYR A 193 9.22 10.17 18.33
C TYR A 193 7.77 10.55 18.07
N LYS A 194 7.43 11.81 18.25
CA LYS A 194 6.09 12.27 17.97
C LYS A 194 6.14 12.74 16.52
N VAL A 195 5.72 11.88 15.60
CA VAL A 195 5.87 12.11 14.14
C VAL A 195 4.55 11.97 13.38
N ASN A 196 4.30 12.92 12.47
CA ASN A 196 3.39 12.78 11.34
C ASN A 196 4.25 13.17 10.14
N GLU A 197 4.49 12.23 9.23
CA GLU A 197 5.30 12.49 8.03
C GLU A 197 4.72 11.73 6.82
N GLY A 198 5.38 11.84 5.66
CA GLY A 198 5.02 11.11 4.45
C GLY A 198 3.56 11.22 3.99
N PRO A 199 2.99 12.44 3.94
CA PRO A 199 1.58 12.55 3.47
C PRO A 199 1.40 11.96 2.08
N ALA A 200 0.27 11.31 1.85
CA ALA A 200 -0.06 10.75 0.54
C ALA A 200 -1.57 10.80 0.34
N VAL A 201 -1.97 11.18 -0.86
CA VAL A 201 -3.38 11.45 -1.13
C VAL A 201 -3.99 10.47 -2.15
N ILE A 202 -5.14 9.92 -1.80
CA ILE A 202 -5.94 9.18 -2.76
C ILE A 202 -7.37 9.69 -2.72
N GLN A 203 -8.00 9.78 -3.89
CA GLN A 203 -9.35 10.31 -3.98
C GLN A 203 -10.31 9.25 -4.47
N HIS A 204 -11.47 9.20 -3.84
CA HIS A 204 -12.46 8.20 -4.20
C HIS A 204 -13.84 8.60 -3.71
N GLY A 205 -14.83 8.44 -4.60
CA GLY A 205 -16.24 8.67 -4.23
C GLY A 205 -16.54 10.02 -3.63
N GLY A 206 -15.83 11.05 -4.08
CA GLY A 206 -16.09 12.41 -3.57
C GLY A 206 -15.44 12.68 -2.22
N LYS A 207 -14.47 11.85 -1.84
CA LYS A 207 -13.69 12.06 -0.62
C LYS A 207 -12.20 12.13 -0.93
N VAL A 208 -11.48 12.85 -0.08
CA VAL A 208 -10.03 12.95 -0.14
C VAL A 208 -9.51 12.19 1.08
N PHE A 209 -8.63 11.22 0.84
CA PHE A 209 -8.01 10.47 1.91
C PHE A 209 -6.52 10.75 1.89
N LEU A 210 -6.01 11.23 3.02
CA LEU A 210 -4.61 11.60 3.13
C LEU A 210 -3.99 10.69 4.17
N THR A 211 -3.23 9.71 3.69
CA THR A 211 -2.55 8.84 4.62
C THR A 211 -1.21 9.50 4.96
N TYR A 212 -0.67 9.09 6.08
CA TYR A 212 0.59 9.64 6.54
C TYR A 212 1.19 8.61 7.47
N SER A 213 2.50 8.73 7.67
CA SER A 213 3.25 7.82 8.52
C SER A 213 3.46 8.40 9.93
N ALA A 214 3.48 7.52 10.91
CA ALA A 214 3.57 7.94 12.30
C ALA A 214 4.53 7.07 13.11
N SER A 215 5.01 7.66 14.22
CA SER A 215 6.02 7.08 15.13
C SER A 215 7.38 6.97 14.50
N ALA A 216 8.34 6.43 15.26
CA ALA A 216 9.71 6.20 14.77
C ALA A 216 9.70 5.27 13.57
N THR A 217 10.73 5.35 12.75
CA THR A 217 10.83 4.51 11.56
C THR A 217 11.26 3.08 11.89
N ASP A 218 10.92 2.61 13.10
CA ASP A 218 11.21 1.23 13.49
C ASP A 218 9.97 0.37 13.26
N ALA A 219 9.84 -0.74 14.01
CA ALA A 219 8.66 -1.62 13.93
C ALA A 219 7.39 -0.88 14.32
N ASN A 220 7.54 0.28 14.97
CA ASN A 220 6.37 1.05 15.35
C ASN A 220 5.79 1.93 14.24
N TYR A 221 6.52 2.05 13.13
CA TYR A 221 6.07 2.85 11.98
C TYR A 221 4.74 2.29 11.50
N CYS A 222 3.82 3.20 11.17
CA CYS A 222 2.51 2.79 10.72
C CYS A 222 1.88 3.93 9.95
N LEU A 223 0.72 3.65 9.33
CA LEU A 223 -0.05 4.68 8.64
C LEU A 223 -1.27 5.07 9.42
N GLY A 224 -1.47 6.38 9.55
CA GLY A 224 -2.73 6.93 10.00
C GLY A 224 -3.40 7.54 8.76
N MET A 225 -4.55 8.16 8.94
CA MET A 225 -5.27 8.73 7.80
C MET A 225 -6.16 9.89 8.19
N LEU A 226 -6.15 10.92 7.34
CA LEU A 226 -7.13 11.99 7.45
C LEU A 226 -8.14 11.86 6.30
N SER A 227 -9.38 12.23 6.57
CA SER A 227 -10.45 12.18 5.57
C SER A 227 -11.16 13.52 5.43
N ALA A 228 -11.49 13.89 4.20
CA ALA A 228 -12.24 15.11 3.97
C ALA A 228 -13.14 14.91 2.75
N SER A 229 -14.13 15.78 2.61
CA SER A 229 -14.96 15.77 1.41
C SER A 229 -14.27 16.62 0.35
N ALA A 230 -14.26 16.16 -0.90
CA ALA A 230 -13.64 16.90 -2.00
C ALA A 230 -14.26 18.29 -2.21
N SER A 231 -15.48 18.48 -1.70
CA SER A 231 -16.21 19.73 -1.87
C SER A 231 -15.88 20.73 -0.76
N ALA A 232 -15.25 20.26 0.32
CA ALA A 232 -14.94 21.13 1.46
C ALA A 232 -13.67 21.95 1.23
N ASP A 233 -13.50 22.99 2.03
CA ASP A 233 -12.29 23.80 2.05
C ASP A 233 -11.14 22.99 2.65
N LEU A 234 -10.19 22.56 1.83
CA LEU A 234 -9.12 21.70 2.31
C LEU A 234 -8.12 22.45 3.18
N LEU A 235 -8.18 23.78 3.13
CA LEU A 235 -7.34 24.61 3.96
C LEU A 235 -7.97 24.95 5.31
N ASN A 236 -9.19 24.47 5.54
CA ASN A 236 -9.76 24.57 6.89
C ASN A 236 -9.48 23.26 7.62
N ALA A 237 -8.70 23.34 8.69
CA ALA A 237 -8.35 22.15 9.49
C ALA A 237 -9.58 21.35 9.89
N ALA A 238 -10.72 22.04 10.04
CA ALA A 238 -11.96 21.40 10.48
C ALA A 238 -12.58 20.49 9.41
N SER A 239 -12.19 20.66 8.15
CA SER A 239 -12.62 19.75 7.08
C SER A 239 -12.04 18.33 7.20
N TRP A 240 -10.98 18.16 7.99
CA TRP A 240 -10.27 16.89 8.06
C TRP A 240 -10.57 16.16 9.37
N THR A 241 -10.89 14.88 9.27
CA THR A 241 -11.10 14.03 10.43
C THR A 241 -10.04 12.93 10.44
N LYS A 242 -9.33 12.81 11.56
CA LYS A 242 -8.27 11.82 11.75
C LYS A 242 -8.85 10.48 12.21
N SER A 243 -8.38 9.39 11.62
CA SER A 243 -8.74 8.05 12.11
C SER A 243 -8.07 7.82 13.47
N SER A 244 -8.82 7.26 14.41
CA SER A 244 -8.30 7.12 15.78
C SER A 244 -7.37 5.92 15.96
N GLN A 245 -7.40 4.99 15.01
CA GLN A 245 -6.45 3.87 15.02
C GLN A 245 -5.65 3.86 13.73
N PRO A 246 -4.45 3.23 13.72
CA PRO A 246 -3.70 3.15 12.47
C PRO A 246 -4.52 2.44 11.41
N VAL A 247 -4.32 2.83 10.16
CA VAL A 247 -5.00 2.19 9.04
C VAL A 247 -4.11 1.11 8.40
N PHE A 248 -2.85 1.03 8.84
CA PHE A 248 -1.89 0.07 8.31
C PHE A 248 -0.76 -0.01 9.30
N LYS A 249 -0.43 -1.22 9.71
CA LYS A 249 0.54 -1.40 10.78
C LYS A 249 1.24 -2.73 10.69
N THR A 250 2.31 -2.86 11.45
CA THR A 250 3.05 -4.10 11.61
C THR A 250 2.13 -5.34 11.71
N SER A 251 2.45 -6.38 10.94
CA SER A 251 1.84 -7.71 11.12
C SER A 251 2.92 -8.76 11.42
N GLU A 252 2.97 -9.20 12.67
CA GLU A 252 3.96 -10.20 13.07
C GLU A 252 3.70 -11.53 12.37
N ALA A 253 2.42 -11.87 12.23
CA ALA A 253 2.01 -13.10 11.54
C ALA A 253 2.59 -13.19 10.15
N THR A 254 2.59 -12.08 9.42
CA THR A 254 3.09 -12.10 8.05
C THR A 254 4.58 -11.71 8.00
N GLY A 255 5.17 -11.40 9.16
CA GLY A 255 6.57 -10.97 9.27
C GLY A 255 6.88 -9.65 8.56
N GLN A 256 5.95 -8.70 8.69
CA GLN A 256 6.09 -7.40 8.04
C GLN A 256 6.04 -6.33 9.11
N TYR A 257 7.13 -5.57 9.21
CA TYR A 257 7.32 -4.66 10.32
C TYR A 257 7.54 -3.21 9.90
N GLY A 258 6.86 -2.31 10.61
CA GLY A 258 6.92 -0.88 10.35
C GLY A 258 6.61 -0.50 8.91
N PRO A 259 5.40 -0.87 8.42
CA PRO A 259 5.06 -0.45 7.06
C PRO A 259 4.75 1.05 7.03
N GLY A 260 5.20 1.75 6.01
CA GLY A 260 4.89 3.16 5.96
C GLY A 260 5.47 3.88 4.80
N HIS A 261 5.49 5.21 4.92
CA HIS A 261 5.86 6.14 3.87
C HIS A 261 5.35 5.70 2.50
N ASN A 262 4.03 5.76 2.34
CA ASN A 262 3.36 5.16 1.19
C ASN A 262 3.10 6.17 0.07
N SER A 263 2.76 5.64 -1.10
CA SER A 263 2.21 6.45 -2.16
C SER A 263 1.16 5.57 -2.82
N PHE A 264 0.52 6.12 -3.85
CA PHE A 264 -0.60 5.45 -4.47
C PHE A 264 -0.41 5.48 -5.96
N THR A 265 -0.67 4.35 -6.60
CA THR A 265 -0.69 4.34 -8.06
C THR A 265 -1.91 3.55 -8.53
N VAL A 266 -1.95 3.18 -9.80
CA VAL A 266 -3.10 2.43 -10.33
C VAL A 266 -2.61 1.23 -11.13
N SER A 267 -3.45 0.21 -11.22
CA SER A 267 -3.17 -1.02 -11.96
C SER A 267 -3.03 -0.77 -13.47
N GLU A 268 -2.53 -1.77 -14.17
CA GLU A 268 -2.32 -1.72 -15.62
C GLU A 268 -3.59 -1.31 -16.38
N ASP A 269 -4.73 -1.85 -15.97
CA ASP A 269 -6.01 -1.51 -16.62
C ASP A 269 -6.57 -0.16 -16.17
N GLY A 270 -5.95 0.44 -15.17
CA GLY A 270 -6.46 1.68 -14.57
C GLY A 270 -7.63 1.45 -13.63
N LYS A 271 -8.01 0.19 -13.41
CA LYS A 271 -9.20 -0.14 -12.61
C LYS A 271 -8.98 -0.26 -11.09
N SER A 272 -7.76 -0.57 -10.67
CA SER A 272 -7.49 -0.78 -9.26
C SER A 272 -6.46 0.19 -8.71
N ASP A 273 -6.72 0.69 -7.52
CA ASP A 273 -5.75 1.50 -6.80
C ASP A 273 -4.73 0.60 -6.12
N ILE A 274 -3.46 1.02 -6.18
CA ILE A 274 -2.35 0.26 -5.65
C ILE A 274 -1.65 1.05 -4.53
N LEU A 275 -1.56 0.44 -3.35
CA LEU A 275 -0.78 0.95 -2.22
C LEU A 275 0.70 0.59 -2.39
N VAL A 276 1.56 1.62 -2.43
CA VAL A 276 3.01 1.45 -2.58
C VAL A 276 3.64 1.87 -1.26
N TYR A 277 4.48 1.02 -0.66
CA TYR A 277 5.03 1.32 0.68
C TYR A 277 6.33 0.58 0.97
N HIS A 278 6.95 0.90 2.11
CA HIS A 278 8.13 0.16 2.53
C HIS A 278 7.89 -0.54 3.86
N ASP A 279 8.67 -1.57 4.13
CA ASP A 279 8.72 -2.14 5.48
C ASP A 279 10.03 -2.92 5.67
N ARG A 280 10.17 -3.58 6.81
CA ARG A 280 11.25 -4.56 7.01
C ARG A 280 10.68 -5.93 7.36
N ASN A 281 11.43 -6.98 7.04
CA ASN A 281 11.05 -8.34 7.42
C ASN A 281 11.57 -8.79 8.78
N TYR A 282 12.01 -7.85 9.61
CA TYR A 282 12.36 -8.15 11.01
C TYR A 282 11.98 -6.99 11.92
N LYS A 283 11.91 -7.27 13.23
CA LYS A 283 11.37 -6.33 14.19
C LYS A 283 12.38 -5.30 14.72
N ASP A 284 13.53 -5.78 15.19
CA ASP A 284 14.47 -4.95 15.94
C ASP A 284 15.60 -4.46 15.06
N ILE A 285 15.81 -3.15 15.08
CA ILE A 285 16.84 -2.51 14.28
C ILE A 285 18.19 -2.75 14.93
N SER A 286 19.17 -3.12 14.13
CA SER A 286 20.55 -3.21 14.60
C SER A 286 21.31 -1.95 14.20
N GLY A 287 22.01 -1.34 15.16
CA GLY A 287 22.81 -0.16 14.89
C GLY A 287 22.00 1.13 14.89
N ASP A 288 22.64 2.20 14.43
CA ASP A 288 22.01 3.51 14.26
C ASP A 288 20.79 3.36 13.32
N PRO A 289 19.57 3.63 13.83
CA PRO A 289 18.35 3.41 13.04
C PRO A 289 18.45 3.97 11.62
N LEU A 290 18.92 5.21 11.54
CA LEU A 290 19.16 5.92 10.29
C LEU A 290 20.05 5.15 9.31
N ASN A 291 20.98 4.35 9.81
CA ASN A 291 21.94 3.64 8.95
C ASN A 291 21.52 2.24 8.50
N ASP A 292 20.40 1.76 9.03
CA ASP A 292 19.85 0.48 8.62
C ASP A 292 19.25 0.62 7.21
N PRO A 293 19.83 -0.09 6.22
CA PRO A 293 19.48 0.05 4.82
C PRO A 293 18.39 -0.90 4.31
N ASN A 294 17.79 -1.69 5.21
CA ASN A 294 17.07 -2.88 4.76
C ASN A 294 15.60 -2.72 4.40
N ARG A 295 15.08 -1.49 4.52
CA ARG A 295 13.70 -1.24 4.14
C ARG A 295 13.50 -1.57 2.67
N ARG A 296 12.39 -2.22 2.35
CA ARG A 296 12.15 -2.61 0.97
C ARG A 296 10.79 -2.14 0.47
N THR A 297 10.67 -1.94 -0.84
CA THR A 297 9.46 -1.45 -1.48
C THR A 297 8.49 -2.61 -1.80
N ARG A 298 7.22 -2.43 -1.44
CA ARG A 298 6.19 -3.44 -1.64
C ARG A 298 4.94 -2.82 -2.26
N LEU A 299 4.12 -3.67 -2.87
CA LEU A 299 2.88 -3.26 -3.54
C LEU A 299 1.74 -4.18 -3.10
N GLN A 300 0.59 -3.61 -2.80
CA GLN A 300 -0.64 -4.40 -2.72
C GLN A 300 -1.85 -3.56 -3.16
N LYS A 301 -2.88 -4.25 -3.64
CA LYS A 301 -4.10 -3.59 -4.11
C LYS A 301 -4.85 -2.94 -2.95
N VAL A 302 -5.46 -1.78 -3.20
CA VAL A 302 -6.33 -1.14 -2.22
C VAL A 302 -7.76 -1.59 -2.50
N TYR A 303 -8.48 -2.00 -1.47
CA TYR A 303 -9.88 -2.36 -1.59
C TYR A 303 -10.75 -1.29 -1.00
N TRP A 304 -11.90 -1.07 -1.59
CA TRP A 304 -12.77 0.00 -1.14
C TRP A 304 -13.92 -0.59 -0.35
N ASN A 305 -14.08 -0.09 0.86
CA ASN A 305 -15.23 -0.46 1.70
C ASN A 305 -16.52 0.09 1.11
N ALA A 306 -17.66 -0.49 1.53
CA ALA A 306 -18.98 -0.07 1.05
C ALA A 306 -19.25 1.40 1.34
N ASP A 307 -18.81 1.85 2.51
CA ASP A 307 -18.97 3.22 2.97
C ASP A 307 -18.11 4.23 2.19
N GLY A 308 -17.29 3.74 1.27
CA GLY A 308 -16.41 4.57 0.44
C GLY A 308 -14.98 4.77 0.95
N THR A 309 -14.68 4.33 2.16
CA THR A 309 -13.32 4.47 2.71
C THR A 309 -12.39 3.39 2.17
N PRO A 310 -11.06 3.67 2.11
CA PRO A 310 -10.16 2.63 1.64
C PRO A 310 -9.91 1.59 2.74
N ASN A 311 -9.66 0.35 2.33
CA ASN A 311 -9.25 -0.71 3.24
C ASN A 311 -7.93 -1.24 2.76
N PHE A 312 -6.89 -1.04 3.57
CA PHE A 312 -5.53 -1.45 3.21
C PHE A 312 -5.20 -2.83 3.77
N GLY A 313 -6.04 -3.34 4.67
CA GLY A 313 -5.84 -4.65 5.24
C GLY A 313 -4.58 -4.66 6.08
N ILE A 314 -3.74 -5.68 5.85
CA ILE A 314 -2.48 -5.83 6.57
C ILE A 314 -1.35 -5.97 5.56
N PRO A 315 -0.10 -5.67 5.97
CA PRO A 315 0.96 -5.95 5.00
C PRO A 315 1.07 -7.45 4.77
N VAL A 316 0.95 -7.85 3.51
CA VAL A 316 0.84 -9.27 3.18
C VAL A 316 2.20 -9.97 3.21
N ALA A 317 2.16 -11.30 3.38
CA ALA A 317 3.34 -12.14 3.33
C ALA A 317 4.10 -11.93 2.05
N ASP A 318 5.42 -12.11 2.11
CA ASP A 318 6.26 -12.03 0.92
C ASP A 318 5.85 -13.07 -0.11
N GLY A 319 6.32 -12.88 -1.34
CA GLY A 319 5.94 -13.71 -2.44
C GLY A 319 4.72 -13.14 -3.13
N VAL A 320 3.89 -14.03 -3.69
CA VAL A 320 2.72 -13.64 -4.48
C VAL A 320 1.61 -13.10 -3.55
N THR A 321 0.89 -12.10 -4.03
CA THR A 321 -0.15 -11.46 -3.23
C THR A 321 -1.39 -12.35 -3.15
N PRO A 322 -2.17 -12.20 -2.07
CA PRO A 322 -3.34 -13.06 -1.96
C PRO A 322 -4.50 -12.53 -2.81
N VAL A 323 -5.57 -13.32 -2.94
CA VAL A 323 -6.74 -12.92 -3.71
C VAL A 323 -8.02 -13.06 -2.87
N ARG A 324 -9.11 -12.49 -3.38
CA ARG A 324 -10.39 -12.58 -2.73
C ARG A 324 -11.30 -13.38 -3.64
N PHE A 325 -12.23 -14.11 -3.05
CA PHE A 325 -13.18 -14.94 -3.81
C PHE A 325 -14.61 -14.50 -3.52
N SER A 326 -15.33 -14.09 -4.56
CA SER A 326 -16.73 -13.68 -4.37
C SER A 326 -17.69 -14.76 -4.89
N SER A 327 -18.90 -14.77 -4.35
CA SER A 327 -19.92 -15.73 -4.71
C SER A 327 -20.59 -15.40 -6.03
N TYR A 328 -20.87 -16.42 -6.84
CA TYR A 328 -21.60 -16.26 -8.10
C TYR A 328 -22.98 -15.64 -7.87
N ASN A 329 -23.74 -16.22 -6.95
CA ASN A 329 -25.12 -15.80 -6.76
C ASN A 329 -25.29 -14.67 -5.73
N TYR A 330 -24.25 -14.39 -4.96
CA TYR A 330 -24.20 -13.21 -4.09
C TYR A 330 -22.88 -12.49 -4.34
N PRO A 331 -22.83 -11.72 -5.43
CA PRO A 331 -21.57 -11.17 -5.95
C PRO A 331 -20.88 -10.19 -5.00
N ASP A 332 -21.61 -9.70 -4.01
CA ASP A 332 -21.08 -8.81 -2.98
C ASP A 332 -20.48 -9.57 -1.78
N ARG A 333 -20.74 -10.87 -1.70
CA ARG A 333 -20.29 -11.68 -0.57
C ARG A 333 -19.02 -12.46 -0.90
N TYR A 334 -18.07 -12.38 0.04
CA TYR A 334 -16.74 -12.94 -0.14
C TYR A 334 -16.53 -14.07 0.86
N ILE A 335 -15.76 -15.07 0.45
CA ILE A 335 -15.29 -16.09 1.40
C ILE A 335 -14.43 -15.39 2.45
N ARG A 336 -14.77 -15.60 3.72
CA ARG A 336 -13.97 -15.07 4.82
C ARG A 336 -14.09 -15.96 6.07
N HIS A 337 -13.11 -15.87 6.97
CA HIS A 337 -13.24 -16.61 8.22
C HIS A 337 -13.60 -15.72 9.38
N TRP A 338 -14.32 -16.30 10.34
CA TRP A 338 -14.69 -15.62 11.58
C TRP A 338 -14.75 -16.68 12.66
N ASP A 339 -14.02 -16.45 13.74
CA ASP A 339 -13.78 -17.46 14.78
C ASP A 339 -13.28 -18.74 14.10
N PHE A 340 -12.51 -18.56 13.03
CA PHE A 340 -11.93 -19.62 12.19
C PHE A 340 -12.92 -20.46 11.38
N ARG A 341 -14.21 -20.13 11.45
CA ARG A 341 -15.22 -20.79 10.64
C ARG A 341 -15.38 -20.03 9.31
N ALA A 342 -15.35 -20.76 8.20
CA ALA A 342 -15.46 -20.10 6.88
C ALA A 342 -16.92 -19.86 6.50
N ARG A 343 -17.17 -18.70 5.88
CA ARG A 343 -18.52 -18.30 5.48
C ARG A 343 -18.38 -17.37 4.31
N ILE A 344 -19.50 -17.00 3.69
CA ILE A 344 -19.50 -15.86 2.78
C ILE A 344 -20.19 -14.70 3.49
N GLU A 345 -19.73 -13.48 3.21
CA GLU A 345 -20.28 -12.29 3.84
C GLU A 345 -19.91 -11.07 3.04
N ALA A 346 -20.82 -10.11 3.01
CA ALA A 346 -20.57 -8.84 2.32
C ALA A 346 -19.94 -7.85 3.29
N ASN A 347 -19.25 -6.85 2.74
CA ASN A 347 -18.76 -5.71 3.52
C ASN A 347 -17.87 -6.16 4.67
N VAL A 348 -16.86 -6.93 4.31
CA VAL A 348 -15.89 -7.40 5.28
C VAL A 348 -14.96 -6.26 5.67
N THR A 349 -15.07 -5.86 6.94
CA THR A 349 -14.25 -4.77 7.48
C THR A 349 -12.83 -5.24 7.77
N ASN A 350 -12.72 -6.40 8.41
CA ASN A 350 -11.41 -7.02 8.62
C ASN A 350 -10.96 -7.70 7.33
N LEU A 351 -10.49 -6.90 6.39
CA LEU A 351 -10.23 -7.36 5.03
C LEU A 351 -9.48 -8.69 4.94
N ALA A 352 -8.41 -8.84 5.73
CA ALA A 352 -7.52 -9.99 5.58
C ALA A 352 -8.21 -11.33 5.88
N ASP A 353 -9.32 -11.29 6.62
CA ASP A 353 -10.19 -12.46 6.79
C ASP A 353 -10.73 -13.03 5.47
N SER A 354 -10.77 -12.20 4.42
CA SER A 354 -11.25 -12.60 3.08
C SER A 354 -10.17 -12.64 2.00
N GLN A 355 -8.90 -12.70 2.42
CA GLN A 355 -7.79 -12.88 1.47
C GLN A 355 -7.13 -14.23 1.66
N PHE A 356 -6.86 -14.90 0.55
CA PHE A 356 -6.28 -16.22 0.53
C PHE A 356 -5.33 -16.32 -0.59
N ARG A 357 -4.21 -16.98 -0.36
CA ARG A 357 -3.36 -17.18 -1.51
C ARG A 357 -3.38 -18.62 -1.99
N VAL A 358 -3.43 -18.76 -3.30
CA VAL A 358 -3.56 -20.04 -3.95
C VAL A 358 -2.18 -20.63 -4.09
N VAL A 359 -1.97 -21.76 -3.41
CA VAL A 359 -0.68 -22.43 -3.43
C VAL A 359 -0.85 -23.84 -3.97
N THR A 360 0.26 -24.47 -4.37
CA THR A 360 0.24 -25.87 -4.81
C THR A 360 -0.36 -26.69 -3.68
N GLY A 361 -1.25 -27.62 -4.03
CA GLY A 361 -2.00 -28.40 -3.05
C GLY A 361 -1.13 -29.12 -2.05
N LEU A 362 -1.58 -29.17 -0.80
CA LEU A 362 -0.83 -29.83 0.24
C LEU A 362 -0.78 -31.35 -0.01
N ALA A 363 -1.75 -31.88 -0.75
CA ALA A 363 -1.78 -33.33 -0.99
C ALA A 363 -1.28 -33.76 -2.36
N GLY A 364 -0.67 -32.84 -3.10
CA GLY A 364 -0.06 -33.12 -4.40
C GLY A 364 -1.03 -33.49 -5.51
N SER A 365 -0.57 -34.19 -6.53
CA SER A 365 -1.40 -34.65 -7.65
C SER A 365 -2.07 -33.50 -8.43
N GLY A 366 -1.42 -32.33 -8.45
CA GLY A 366 -1.94 -31.17 -9.19
C GLY A 366 -3.05 -30.40 -8.49
N THR A 367 -3.31 -30.73 -7.22
CA THR A 367 -4.33 -29.99 -6.46
C THR A 367 -3.84 -28.61 -6.02
N ILE A 368 -4.78 -27.81 -5.48
CA ILE A 368 -4.45 -26.51 -4.91
C ILE A 368 -4.91 -26.45 -3.46
N SER A 369 -4.27 -25.56 -2.70
CA SER A 369 -4.69 -25.22 -1.34
C SER A 369 -4.79 -23.70 -1.21
N LEU A 370 -5.59 -23.27 -0.24
CA LEU A 370 -5.89 -21.86 -0.03
C LEU A 370 -5.37 -21.41 1.31
N GLU A 371 -4.22 -20.75 1.29
CA GLU A 371 -3.58 -20.29 2.53
C GLU A 371 -4.14 -18.94 2.98
N SER A 372 -4.43 -18.81 4.28
CA SER A 372 -4.90 -17.54 4.85
C SER A 372 -3.82 -16.45 4.76
N ALA A 373 -4.27 -15.25 4.42
CA ALA A 373 -3.36 -14.09 4.35
C ALA A 373 -2.97 -13.57 5.73
N ASN A 374 -3.91 -13.58 6.70
CA ASN A 374 -3.62 -13.10 8.04
C ASN A 374 -3.14 -14.19 9.00
N TYR A 375 -3.31 -15.45 8.60
CA TYR A 375 -2.82 -16.60 9.36
C TYR A 375 -2.00 -17.51 8.45
N PRO A 376 -0.80 -17.04 8.05
CA PRO A 376 -0.01 -17.93 7.20
C PRO A 376 0.21 -19.28 7.88
N GLY A 377 0.25 -20.35 7.09
CA GLY A 377 0.34 -21.69 7.65
C GLY A 377 -1.01 -22.22 8.06
N TYR A 378 -2.05 -21.39 7.92
CA TYR A 378 -3.41 -21.84 8.12
C TYR A 378 -4.10 -21.89 6.76
N TYR A 379 -4.98 -22.87 6.58
CA TYR A 379 -5.57 -23.13 5.28
C TYR A 379 -7.06 -23.39 5.41
N LEU A 380 -7.81 -23.10 4.35
CA LEU A 380 -9.20 -23.57 4.29
C LEU A 380 -9.16 -25.10 4.28
N ARG A 381 -9.83 -25.69 5.25
CA ARG A 381 -9.92 -27.16 5.33
C ARG A 381 -11.31 -27.57 5.79
N HIS A 382 -11.77 -28.74 5.35
CA HIS A 382 -13.06 -29.21 5.82
C HIS A 382 -12.91 -30.23 6.93
N LYS A 383 -13.91 -30.32 7.80
CA LYS A 383 -13.98 -31.38 8.80
C LYS A 383 -15.44 -31.58 9.13
N ASN A 384 -15.88 -32.83 8.99
CA ASN A 384 -17.30 -33.19 9.06
C ASN A 384 -18.11 -32.36 8.06
N TYR A 385 -17.53 -32.17 6.88
CA TYR A 385 -18.14 -31.40 5.77
C TYR A 385 -18.27 -29.90 5.99
N GLU A 386 -17.89 -29.41 7.18
CA GLU A 386 -17.82 -27.95 7.44
C GLU A 386 -16.45 -27.40 7.09
N VAL A 387 -16.39 -26.14 6.67
CA VAL A 387 -15.12 -25.54 6.26
C VAL A 387 -14.62 -24.52 7.29
N TRP A 388 -13.35 -24.66 7.65
CA TRP A 388 -12.68 -23.88 8.68
C TRP A 388 -11.33 -23.38 8.14
N VAL A 389 -10.72 -22.41 8.83
CA VAL A 389 -9.35 -22.01 8.55
C VAL A 389 -8.52 -22.48 9.73
N GLU A 390 -7.68 -23.48 9.51
CA GLU A 390 -6.95 -24.12 10.59
C GLU A 390 -5.49 -24.29 10.23
N LYS A 391 -4.65 -24.36 11.25
CA LYS A 391 -3.21 -24.49 11.11
C LYS A 391 -2.82 -25.88 10.63
N ASN A 392 -1.98 -25.92 9.60
CA ASN A 392 -1.44 -27.18 9.12
C ASN A 392 -0.52 -27.79 10.17
N ASP A 393 -0.92 -28.94 10.69
CA ASP A 393 -0.18 -29.65 11.74
C ASP A 393 0.82 -30.66 11.16
N GLY A 394 0.87 -30.75 9.83
CA GLY A 394 1.79 -31.65 9.14
C GLY A 394 1.24 -33.06 8.93
N SER A 395 0.03 -33.31 9.41
CA SER A 395 -0.58 -34.63 9.30
C SER A 395 -1.13 -34.85 7.89
N SER A 396 -1.15 -36.11 7.47
CA SER A 396 -1.75 -36.49 6.19
C SER A 396 -3.22 -36.12 6.14
N ALA A 397 -3.94 -36.35 7.24
CA ALA A 397 -5.34 -35.99 7.33
C ALA A 397 -5.60 -34.49 7.02
N PHE A 398 -4.81 -33.60 7.62
CA PHE A 398 -4.95 -32.17 7.34
C PHE A 398 -4.70 -31.88 5.87
N LYS A 399 -3.60 -32.41 5.35
CA LYS A 399 -3.23 -32.15 3.98
C LYS A 399 -4.30 -32.59 2.98
N ASN A 400 -4.91 -33.75 3.23
CA ASN A 400 -6.05 -34.20 2.44
C ASN A 400 -7.28 -33.29 2.60
N ASP A 401 -7.56 -32.87 3.82
CA ASP A 401 -8.68 -31.98 4.12
C ASP A 401 -8.51 -30.55 3.53
N ALA A 402 -7.30 -30.18 3.16
CA ALA A 402 -6.98 -28.80 2.72
C ALA A 402 -6.61 -28.70 1.25
N SER A 403 -6.86 -29.78 0.52
CA SER A 403 -6.49 -29.85 -0.90
C SER A 403 -7.73 -30.01 -1.74
N PHE A 404 -7.73 -29.31 -2.87
CA PHE A 404 -8.91 -29.21 -3.73
C PHE A 404 -8.43 -29.24 -5.18
N SER A 405 -9.25 -29.80 -6.04
CA SER A 405 -8.99 -29.70 -7.48
C SER A 405 -9.75 -28.50 -8.00
N ARG A 406 -9.04 -27.62 -8.69
CA ARG A 406 -9.65 -26.48 -9.33
C ARG A 406 -10.42 -26.97 -10.54
N ARG A 407 -11.68 -26.54 -10.63
CA ARG A 407 -12.57 -26.87 -11.73
C ARG A 407 -13.10 -25.59 -12.32
N ALA A 408 -13.50 -25.65 -13.59
CA ALA A 408 -14.26 -24.57 -14.20
C ALA A 408 -15.52 -24.34 -13.39
N GLY A 409 -15.93 -23.08 -13.25
CA GLY A 409 -17.15 -22.74 -12.51
C GLY A 409 -18.33 -23.57 -12.97
N LEU A 410 -19.14 -24.00 -12.00
CA LEU A 410 -20.28 -24.85 -12.27
C LEU A 410 -21.45 -24.07 -12.85
N ALA A 411 -21.52 -22.79 -12.55
CA ALA A 411 -22.54 -21.91 -13.13
C ALA A 411 -21.91 -20.96 -14.17
N ASP A 412 -20.58 -20.92 -14.21
CA ASP A 412 -19.84 -20.12 -15.19
C ASP A 412 -18.52 -20.82 -15.55
N SER A 413 -18.56 -21.66 -16.59
CA SER A 413 -17.38 -22.43 -16.98
C SER A 413 -16.37 -21.62 -17.79
N ALA A 414 -16.66 -20.33 -17.99
CA ALA A 414 -15.72 -19.42 -18.65
C ALA A 414 -14.90 -18.64 -17.64
N ASP A 415 -15.60 -18.01 -16.69
CA ASP A 415 -14.98 -17.07 -15.74
C ASP A 415 -14.99 -17.55 -14.30
N GLY A 416 -15.96 -18.42 -13.97
CA GLY A 416 -16.10 -18.93 -12.61
C GLY A 416 -15.08 -19.99 -12.24
N ILE A 417 -14.97 -20.23 -10.93
CA ILE A 417 -14.09 -21.24 -10.35
C ILE A 417 -14.94 -22.09 -9.40
N ALA A 418 -14.73 -23.41 -9.45
CA ALA A 418 -15.28 -24.32 -8.44
C ALA A 418 -14.13 -25.11 -7.81
N PHE A 419 -14.35 -25.61 -6.60
CA PHE A 419 -13.29 -26.30 -5.85
C PHE A 419 -13.79 -27.67 -5.40
N GLU A 420 -13.30 -28.72 -6.07
CA GLU A 420 -13.72 -30.07 -5.73
C GLU A 420 -12.79 -30.62 -4.65
N SER A 421 -13.37 -31.19 -3.61
CA SER A 421 -12.60 -31.83 -2.55
C SER A 421 -11.72 -32.95 -3.12
N TYR A 422 -10.46 -32.99 -2.72
CA TYR A 422 -9.52 -34.02 -3.15
C TYR A 422 -9.86 -35.39 -2.54
N ASN A 423 -10.14 -35.42 -1.24
CA ASN A 423 -10.45 -36.71 -0.57
C ASN A 423 -11.92 -37.09 -0.56
N TYR A 424 -12.79 -36.15 -0.91
CA TYR A 424 -14.21 -36.44 -1.14
C TYR A 424 -14.66 -36.00 -2.54
N PRO A 425 -14.15 -36.69 -3.60
CA PRO A 425 -14.55 -36.37 -4.96
C PRO A 425 -16.07 -36.33 -5.10
N GLY A 426 -16.58 -35.47 -5.98
CA GLY A 426 -18.02 -35.21 -6.06
C GLY A 426 -18.58 -34.26 -5.01
N ARG A 427 -17.76 -33.87 -4.02
CA ARG A 427 -18.17 -32.84 -3.06
C ARG A 427 -17.39 -31.56 -3.34
N TYR A 428 -18.13 -30.46 -3.47
CA TYR A 428 -17.56 -29.15 -3.77
C TYR A 428 -17.70 -28.19 -2.59
N LEU A 429 -16.75 -27.28 -2.50
CA LEU A 429 -16.90 -26.09 -1.66
C LEU A 429 -18.14 -25.31 -2.12
N ARG A 430 -19.10 -25.16 -1.22
CA ARG A 430 -20.30 -24.39 -1.46
C ARG A 430 -20.81 -23.71 -0.20
N HIS A 431 -21.43 -22.55 -0.39
CA HIS A 431 -22.08 -21.90 0.72
C HIS A 431 -23.50 -22.40 0.87
N TYR A 432 -23.95 -22.43 2.12
CA TYR A 432 -25.30 -22.82 2.49
C TYR A 432 -25.59 -22.13 3.81
N GLU A 433 -26.66 -21.34 3.85
CA GLU A 433 -26.94 -20.44 4.97
C GLU A 433 -25.70 -19.62 5.31
N ASN A 434 -25.00 -19.21 4.25
CA ASN A 434 -23.76 -18.43 4.29
C ASN A 434 -22.52 -19.11 4.85
N LEU A 435 -22.67 -20.26 5.51
CA LEU A 435 -21.53 -21.01 6.01
C LEU A 435 -20.96 -21.86 4.87
N LEU A 436 -19.64 -22.06 4.86
CA LEU A 436 -19.05 -22.87 3.80
C LEU A 436 -18.97 -24.32 4.21
N ARG A 437 -19.28 -25.19 3.25
CA ARG A 437 -19.32 -26.63 3.44
C ARG A 437 -18.69 -27.29 2.21
N ILE A 438 -18.48 -28.59 2.30
CA ILE A 438 -18.27 -29.39 1.09
C ILE A 438 -19.46 -30.31 0.90
N GLN A 439 -20.14 -30.17 -0.24
CA GLN A 439 -21.35 -30.93 -0.47
C GLN A 439 -21.48 -31.33 -1.93
N PRO A 440 -22.28 -32.39 -2.21
CA PRO A 440 -22.50 -32.75 -3.61
C PRO A 440 -23.30 -31.64 -4.31
N VAL A 441 -23.19 -31.55 -5.63
CA VAL A 441 -23.99 -30.56 -6.37
C VAL A 441 -24.87 -31.28 -7.38
N SER A 442 -26.18 -31.15 -7.22
CA SER A 442 -27.12 -31.72 -8.18
C SER A 442 -27.97 -30.63 -8.85
N THR A 443 -28.54 -29.73 -8.05
CA THR A 443 -29.47 -28.72 -8.57
C THR A 443 -28.79 -27.47 -9.14
N ALA A 444 -29.59 -26.63 -9.81
CA ALA A 444 -29.10 -25.36 -10.35
C ALA A 444 -28.57 -24.45 -9.22
N LEU A 445 -29.31 -24.37 -8.12
CA LEU A 445 -28.87 -23.60 -6.96
C LEU A 445 -27.53 -24.11 -6.42
N ASP A 446 -27.42 -25.42 -6.20
CA ASP A 446 -26.16 -26.06 -5.80
C ASP A 446 -25.02 -25.56 -6.66
N ARG A 447 -25.22 -25.56 -7.98
CA ARG A 447 -24.15 -25.15 -8.90
C ARG A 447 -23.77 -23.69 -8.68
N GLN A 448 -24.76 -22.86 -8.37
CA GLN A 448 -24.47 -21.43 -8.11
C GLN A 448 -23.74 -21.25 -6.78
N ASP A 449 -24.20 -21.98 -5.76
CA ASP A 449 -23.59 -22.02 -4.42
C ASP A 449 -22.15 -22.51 -4.41
N ALA A 450 -21.75 -23.25 -5.45
CA ALA A 450 -20.39 -23.78 -5.60
C ALA A 450 -19.52 -23.04 -6.61
N THR A 451 -20.00 -21.91 -7.11
CA THR A 451 -19.22 -21.13 -8.09
C THR A 451 -18.72 -19.80 -7.48
N PHE A 452 -17.46 -19.46 -7.75
CA PHE A 452 -16.84 -18.28 -7.16
C PHE A 452 -16.02 -17.56 -8.23
N TYR A 453 -15.65 -16.31 -7.96
CA TYR A 453 -14.74 -15.56 -8.82
C TYR A 453 -13.58 -15.08 -8.00
N ALA A 454 -12.39 -15.12 -8.59
CA ALA A 454 -11.19 -14.53 -7.99
C ALA A 454 -10.94 -13.17 -8.63
N GLU A 455 -10.80 -12.14 -7.81
CA GLU A 455 -10.49 -10.77 -8.25
C GLU A 455 -11.23 -10.30 -9.53
N LYS A 456 -12.55 -10.42 -9.56
CA LYS A 456 -13.29 -9.96 -10.76
C LYS A 456 -13.68 -8.49 -10.64
#